data_1AC8
#
_entry.id   1AC8
#
_cell.length_a   108.000
_cell.length_b   77.300
_cell.length_c   51.800
_cell.angle_alpha   90.00
_cell.angle_beta   90.00
_cell.angle_gamma   90.00
#
_symmetry.space_group_name_H-M   'P 21 21 21'
#
loop_
_entity.id
_entity.type
_entity.pdbx_description
1 polymer 'CYTOCHROME C PEROXIDASE'
2 non-polymer 'PROTOPORPHYRIN IX CONTAINING FE'
3 non-polymer 3,4,5-TRIMETHYL-1,3-THIAZOLE
4 water water
#
_entity_poly.entity_id   1
_entity_poly.type   'polypeptide(L)'
_entity_poly.pdbx_seq_one_letter_code
;MKTLVHVASVEKGRSYEDFQKVYNAIALKLREDDEYDNYIGYGPVLVRLAWHISGTWDKHDNTGGSYGGTYRFKKEFNDP
SNAGLQNGFKFLEPIHKEFPWISSGDLFSLGGVTAVQEMQGPKIPWRCGRVDTPEDTTPDNGRLPDADKDAGYVRTFFQR
LNMNDREVVALMGAHALGKTHLKNSGYEGPGGAANNVFTNEFYLNLLNEDWKLEKNDANNEQWDSKSGYMMLPTDYSLIQ
DPKYLSIVKEYANDQDKFFKDFSKAFEKLLEDGITFPKDAPSPFIFKTLEEQGL
;
_entity_poly.pdbx_strand_id   A
#
loop_
_chem_comp.id
_chem_comp.type
_chem_comp.name
_chem_comp.formula
HEM non-polymer 'PROTOPORPHYRIN IX CONTAINING FE' 'C34 H32 Fe N4 O4'
TMZ non-polymer 3,4,5-TRIMETHYL-1,3-THIAZOLE 'C6 H10 N S 1'
#
# COMPACT_ATOMS: atom_id res chain seq x y z
N LEU A 4 13.14 -1.69 -21.11
CA LEU A 4 12.54 -0.44 -20.66
C LEU A 4 13.30 0.30 -19.57
N VAL A 5 13.84 1.49 -19.83
CA VAL A 5 14.54 2.21 -18.76
C VAL A 5 13.71 3.40 -18.37
N HIS A 6 13.60 3.62 -17.08
CA HIS A 6 12.81 4.71 -16.54
C HIS A 6 13.66 5.53 -15.62
N VAL A 7 14.07 6.70 -16.07
CA VAL A 7 14.95 7.50 -15.25
C VAL A 7 14.19 8.60 -14.51
N ALA A 8 14.40 8.60 -13.21
CA ALA A 8 13.84 9.59 -12.33
C ALA A 8 14.29 11.02 -12.66
N SER A 9 13.35 11.94 -12.91
CA SER A 9 13.64 13.34 -13.23
C SER A 9 12.99 14.29 -12.22
N VAL A 10 13.72 14.94 -11.30
CA VAL A 10 13.11 15.82 -10.30
C VAL A 10 12.30 16.92 -10.98
N GLU A 11 11.06 17.09 -10.53
CA GLU A 11 10.20 18.20 -10.99
C GLU A 11 10.97 19.54 -10.94
N LYS A 12 10.89 20.37 -11.99
CA LYS A 12 11.81 21.51 -12.08
C LYS A 12 11.90 22.49 -10.92
N GLY A 13 13.12 22.51 -10.42
CA GLY A 13 13.48 23.42 -9.35
C GLY A 13 12.90 23.07 -8.00
N ARG A 14 12.16 21.97 -7.89
CA ARG A 14 11.61 21.57 -6.59
C ARG A 14 12.63 20.93 -5.65
N SER A 15 12.49 21.08 -4.35
CA SER A 15 13.38 20.46 -3.36
C SER A 15 12.58 19.93 -2.14
N TYR A 16 13.19 19.50 -1.06
CA TYR A 16 12.51 19.01 0.12
C TYR A 16 11.30 19.80 0.63
N GLU A 17 11.45 21.10 0.72
CA GLU A 17 10.39 21.95 1.28
C GLU A 17 9.08 21.93 0.48
N ASP A 18 9.18 21.78 -0.83
CA ASP A 18 8.02 21.70 -1.71
C ASP A 18 7.19 20.47 -1.46
N PHE A 19 7.89 19.34 -1.35
CA PHE A 19 7.24 18.06 -1.12
C PHE A 19 6.71 17.95 0.30
N GLN A 20 7.40 18.54 1.29
CA GLN A 20 6.90 18.60 2.64
C GLN A 20 5.61 19.43 2.68
N LYS A 21 5.47 20.43 1.80
CA LYS A 21 4.18 21.14 1.69
C LYS A 21 3.08 20.24 1.13
N VAL A 22 3.36 19.43 0.11
CA VAL A 22 2.38 18.46 -0.38
C VAL A 22 2.05 17.39 0.68
N TYR A 23 3.03 16.79 1.36
CA TYR A 23 2.81 15.95 2.54
C TYR A 23 1.82 16.55 3.54
N ASN A 24 2.13 17.76 4.04
CA ASN A 24 1.27 18.45 4.99
C ASN A 24 -0.12 18.67 4.48
N ALA A 25 -0.30 18.96 3.21
CA ALA A 25 -1.63 19.09 2.63
C ALA A 25 -2.47 17.82 2.71
N ILE A 26 -1.87 16.69 2.28
CA ILE A 26 -2.50 15.35 2.39
C ILE A 26 -2.84 15.02 3.86
N ALA A 27 -1.88 15.19 4.76
CA ALA A 27 -2.01 14.93 6.18
C ALA A 27 -3.05 15.77 6.89
N LEU A 28 -3.18 17.03 6.47
CA LEU A 28 -4.21 17.93 6.99
C LEU A 28 -5.58 17.49 6.52
N LYS A 29 -5.69 17.07 5.26
CA LYS A 29 -6.98 16.59 4.78
C LYS A 29 -7.35 15.20 5.38
N LEU A 30 -6.37 14.33 5.70
CA LEU A 30 -6.62 13.06 6.40
C LEU A 30 -7.26 13.28 7.78
N ARG A 31 -6.85 14.34 8.46
CA ARG A 31 -7.40 14.74 9.74
C ARG A 31 -8.81 15.36 9.62
N GLU A 32 -8.98 16.17 8.58
CA GLU A 32 -10.25 16.81 8.29
C GLU A 32 -11.34 15.87 7.79
N ASP A 33 -11.11 15.07 6.77
CA ASP A 33 -12.11 14.12 6.29
C ASP A 33 -12.13 12.77 7.01
N ASP A 34 -12.36 12.81 8.29
CA ASP A 34 -12.35 11.66 9.21
C ASP A 34 -13.54 10.69 9.27
N GLU A 35 -14.64 11.13 8.71
CA GLU A 35 -15.87 10.36 8.71
C GLU A 35 -15.96 9.21 7.70
N TYR A 36 -15.15 9.30 6.66
CA TYR A 36 -15.09 8.28 5.62
C TYR A 36 -15.03 6.81 6.09
N ASP A 37 -15.85 5.93 5.50
CA ASP A 37 -15.89 4.51 5.82
C ASP A 37 -16.10 4.23 7.31
N ASN A 38 -17.20 4.78 7.81
CA ASN A 38 -17.55 4.71 9.23
C ASN A 38 -16.45 5.01 10.22
N TYR A 39 -15.93 6.20 9.98
CA TYR A 39 -14.86 6.79 10.77
C TYR A 39 -13.51 6.10 10.76
N ILE A 40 -13.25 5.23 9.79
CA ILE A 40 -11.89 4.71 9.61
C ILE A 40 -10.98 5.83 9.06
N GLY A 41 -11.56 6.64 8.19
CA GLY A 41 -10.86 7.70 7.50
C GLY A 41 -10.16 7.20 6.24
N TYR A 42 -9.54 8.08 5.46
CA TYR A 42 -8.88 7.74 4.22
C TYR A 42 -7.53 7.09 4.20
N GLY A 43 -6.82 7.01 5.32
CA GLY A 43 -5.48 6.43 5.35
C GLY A 43 -5.34 5.02 4.76
N PRO A 44 -6.08 4.00 5.21
CA PRO A 44 -5.97 2.64 4.64
C PRO A 44 -6.18 2.60 3.13
N VAL A 45 -7.24 3.18 2.52
CA VAL A 45 -7.40 3.17 1.06
C VAL A 45 -6.24 3.89 0.34
N LEU A 46 -5.61 4.88 0.99
CA LEU A 46 -4.45 5.52 0.36
C LEU A 46 -3.24 4.61 0.43
N VAL A 47 -2.98 3.79 1.48
CA VAL A 47 -1.83 2.91 1.32
C VAL A 47 -2.19 1.77 0.34
N ARG A 48 -3.47 1.37 0.21
CA ARG A 48 -3.82 0.38 -0.81
C ARG A 48 -3.63 0.92 -2.24
N LEU A 49 -3.97 2.20 -2.48
CA LEU A 49 -3.76 2.83 -3.78
C LEU A 49 -2.25 2.85 -4.11
N ALA A 50 -1.37 3.22 -3.19
CA ALA A 50 0.06 3.24 -3.48
C ALA A 50 0.59 1.85 -3.76
N TRP A 51 0.07 0.79 -3.09
CA TRP A 51 0.47 -0.59 -3.38
C TRP A 51 -0.05 -1.04 -4.75
N HIS A 52 -1.31 -0.80 -5.15
CA HIS A 52 -1.80 -1.22 -6.46
C HIS A 52 -1.18 -0.45 -7.64
N ILE A 53 -0.77 0.83 -7.55
CA ILE A 53 -0.09 1.44 -8.69
C ILE A 53 1.32 0.90 -8.79
N SER A 54 1.95 0.41 -7.73
CA SER A 54 3.29 -0.21 -7.79
C SER A 54 3.29 -1.69 -8.13
N GLY A 55 2.23 -2.37 -7.71
CA GLY A 55 2.08 -3.81 -7.80
C GLY A 55 1.94 -4.35 -9.21
N THR A 56 1.75 -3.47 -10.20
CA THR A 56 1.72 -3.87 -11.61
C THR A 56 3.10 -4.11 -12.21
N TRP A 57 4.16 -3.85 -11.48
CA TRP A 57 5.48 -3.96 -12.04
C TRP A 57 5.81 -5.40 -12.42
N ASP A 58 6.57 -5.55 -13.50
CA ASP A 58 7.11 -6.84 -13.83
C ASP A 58 8.63 -6.74 -13.98
N LYS A 59 9.42 -7.35 -13.09
CA LYS A 59 10.86 -7.34 -13.15
C LYS A 59 11.53 -7.81 -14.44
N HIS A 60 10.79 -8.59 -15.23
CA HIS A 60 11.34 -9.17 -16.46
C HIS A 60 11.47 -8.18 -17.61
N ASP A 61 10.52 -7.27 -17.79
CA ASP A 61 10.60 -6.28 -18.86
C ASP A 61 10.46 -4.83 -18.39
N ASN A 62 10.48 -4.63 -17.06
CA ASN A 62 10.32 -3.34 -16.40
C ASN A 62 9.08 -2.52 -16.79
N THR A 63 8.03 -3.23 -17.21
CA THR A 63 6.73 -2.57 -17.45
C THR A 63 5.87 -2.50 -16.17
N GLY A 64 4.84 -1.65 -16.14
CA GLY A 64 4.09 -1.40 -14.91
C GLY A 64 4.89 -0.60 -13.87
N GLY A 65 4.48 -0.68 -12.60
CA GLY A 65 5.22 0.04 -11.57
C GLY A 65 4.72 1.46 -11.37
N SER A 66 5.20 2.08 -10.31
CA SER A 66 4.71 3.42 -9.95
C SER A 66 5.17 4.61 -10.81
N TYR A 67 6.27 4.49 -11.55
CA TYR A 67 6.84 5.55 -12.37
C TYR A 67 5.90 6.36 -13.26
N GLY A 68 5.11 5.70 -14.08
CA GLY A 68 4.31 6.39 -15.09
C GLY A 68 3.00 7.03 -14.66
N GLY A 69 2.49 6.75 -13.46
CA GLY A 69 1.23 7.33 -13.02
C GLY A 69 0.02 6.97 -13.86
N THR A 70 0.10 5.78 -14.46
CA THR A 70 -0.90 5.32 -15.44
C THR A 70 -2.27 4.91 -14.95
N TYR A 71 -2.43 4.88 -13.63
CA TYR A 71 -3.74 4.69 -12.98
C TYR A 71 -4.73 5.82 -13.34
N ARG A 72 -4.23 7.00 -13.75
CA ARG A 72 -5.09 8.08 -14.24
C ARG A 72 -5.82 7.71 -15.57
N PHE A 73 -5.36 6.66 -16.29
CA PHE A 73 -6.02 6.19 -17.50
C PHE A 73 -7.11 5.14 -17.28
N LYS A 74 -8.20 5.22 -18.04
CA LYS A 74 -9.38 4.34 -17.92
C LYS A 74 -9.13 2.82 -17.75
N LYS A 75 -8.21 2.25 -18.54
CA LYS A 75 -7.86 0.82 -18.46
C LYS A 75 -7.42 0.42 -17.05
N GLU A 76 -6.47 1.14 -16.44
CA GLU A 76 -6.06 0.83 -15.10
C GLU A 76 -7.07 1.31 -14.08
N PHE A 77 -7.73 2.44 -14.26
CA PHE A 77 -8.72 2.93 -13.29
C PHE A 77 -9.92 2.00 -13.15
N ASN A 78 -10.26 1.38 -14.27
CA ASN A 78 -11.35 0.43 -14.34
C ASN A 78 -11.00 -1.06 -14.20
N ASP A 79 -9.75 -1.36 -13.84
CA ASP A 79 -9.37 -2.71 -13.49
C ASP A 79 -10.29 -3.19 -12.35
N PRO A 80 -10.98 -4.35 -12.42
CA PRO A 80 -11.82 -4.89 -11.34
C PRO A 80 -11.07 -5.04 -10.02
N SER A 81 -9.76 -5.33 -10.12
CA SER A 81 -8.89 -5.41 -8.92
C SER A 81 -8.73 -4.09 -8.19
N ASN A 82 -8.95 -2.96 -8.84
CA ASN A 82 -8.84 -1.64 -8.20
C ASN A 82 -10.17 -1.09 -7.68
N ALA A 83 -11.26 -1.87 -7.73
CA ALA A 83 -12.55 -1.41 -7.25
C ALA A 83 -12.53 -0.86 -5.83
N GLY A 84 -13.06 0.34 -5.68
CA GLY A 84 -13.00 1.02 -4.39
C GLY A 84 -11.84 2.02 -4.32
N LEU A 85 -10.79 1.93 -5.13
CA LEU A 85 -9.70 2.89 -5.08
C LEU A 85 -10.02 4.27 -5.67
N GLN A 86 -11.16 4.40 -6.40
CA GLN A 86 -11.63 5.69 -6.90
C GLN A 86 -11.83 6.67 -5.75
N ASN A 87 -12.15 6.17 -4.55
CA ASN A 87 -12.24 7.01 -3.35
C ASN A 87 -10.91 7.58 -2.89
N GLY A 88 -9.80 6.87 -3.06
CA GLY A 88 -8.49 7.44 -2.75
C GLY A 88 -8.12 8.48 -3.84
N PHE A 89 -8.38 8.20 -5.11
CA PHE A 89 -8.16 9.17 -6.21
C PHE A 89 -8.87 10.52 -6.03
N LYS A 90 -10.18 10.46 -5.77
CA LYS A 90 -10.97 11.64 -5.49
C LYS A 90 -10.53 12.41 -4.26
N PHE A 91 -9.98 11.74 -3.23
CA PHE A 91 -9.36 12.41 -2.08
C PHE A 91 -8.11 13.20 -2.51
N LEU A 92 -7.25 12.60 -3.34
CA LEU A 92 -6.05 13.28 -3.78
C LEU A 92 -6.25 14.34 -4.85
N GLU A 93 -7.34 14.31 -5.60
CA GLU A 93 -7.59 15.24 -6.69
C GLU A 93 -7.61 16.73 -6.28
N PRO A 94 -8.29 17.22 -5.25
CA PRO A 94 -8.01 18.52 -4.62
C PRO A 94 -6.56 18.91 -4.38
N ILE A 95 -5.73 18.02 -3.85
CA ILE A 95 -4.33 18.33 -3.60
C ILE A 95 -3.53 18.45 -4.90
N HIS A 96 -3.88 17.72 -5.97
CA HIS A 96 -3.19 17.84 -7.24
C HIS A 96 -3.54 19.16 -7.90
N LYS A 97 -4.78 19.60 -7.73
CA LYS A 97 -5.19 20.91 -8.21
C LYS A 97 -4.39 22.01 -7.53
N GLU A 98 -4.15 21.87 -6.23
CA GLU A 98 -3.34 22.80 -5.46
C GLU A 98 -1.83 22.77 -5.76
N PHE A 99 -1.26 21.61 -6.08
CA PHE A 99 0.15 21.50 -6.46
C PHE A 99 0.28 20.85 -7.83
N PRO A 100 -0.06 21.56 -8.91
CA PRO A 100 -0.20 20.97 -10.24
C PRO A 100 1.13 20.55 -10.84
N TRP A 101 2.23 21.03 -10.25
CA TRP A 101 3.57 20.64 -10.62
C TRP A 101 4.01 19.21 -10.24
N ILE A 102 3.44 18.56 -9.20
CA ILE A 102 3.87 17.18 -8.89
C ILE A 102 3.32 16.17 -9.90
N SER A 103 4.12 15.22 -10.35
CA SER A 103 3.63 14.15 -11.22
C SER A 103 2.63 13.19 -10.55
N SER A 104 1.81 12.48 -11.32
CA SER A 104 0.84 11.54 -10.77
C SER A 104 1.49 10.40 -9.99
N GLY A 105 2.51 9.72 -10.50
CA GLY A 105 3.21 8.65 -9.79
C GLY A 105 3.72 9.07 -8.43
N ASP A 106 4.30 10.27 -8.41
CA ASP A 106 4.78 10.86 -7.17
C ASP A 106 3.68 11.19 -6.18
N LEU A 107 2.58 11.78 -6.64
CA LEU A 107 1.48 12.09 -5.73
C LEU A 107 0.81 10.80 -5.15
N PHE A 108 0.51 9.78 -5.98
CA PHE A 108 -0.03 8.49 -5.54
C PHE A 108 0.95 7.79 -4.60
N SER A 109 2.28 7.76 -4.87
CA SER A 109 3.15 7.15 -3.87
C SER A 109 3.36 7.90 -2.57
N LEU A 110 3.43 9.24 -2.60
CA LEU A 110 3.56 10.05 -1.39
C LEU A 110 2.28 10.01 -0.54
N GLY A 111 1.08 9.86 -1.12
CA GLY A 111 -0.16 9.64 -0.36
C GLY A 111 -0.10 8.38 0.53
N GLY A 112 0.47 7.27 0.01
CA GLY A 112 0.72 6.06 0.77
C GLY A 112 1.74 6.29 1.87
N VAL A 113 2.85 6.99 1.59
CA VAL A 113 3.83 7.33 2.62
C VAL A 113 3.26 8.17 3.77
N THR A 114 2.46 9.17 3.37
CA THR A 114 1.85 10.10 4.31
C THR A 114 0.84 9.43 5.22
N ALA A 115 -0.03 8.56 4.66
CA ALA A 115 -1.00 7.79 5.43
C ALA A 115 -0.37 6.88 6.50
N VAL A 116 0.67 6.13 6.14
CA VAL A 116 1.38 5.28 7.09
C VAL A 116 2.01 6.06 8.25
N GLN A 117 2.78 7.10 7.96
CA GLN A 117 3.36 7.93 9.03
C GLN A 117 2.31 8.66 9.86
N GLU A 118 1.26 9.20 9.26
CA GLU A 118 0.23 9.85 10.03
C GLU A 118 -0.60 8.86 10.85
N MET A 119 -0.71 7.58 10.47
CA MET A 119 -1.37 6.56 11.30
C MET A 119 -0.39 5.94 12.26
N GLN A 120 0.68 6.64 12.62
CA GLN A 120 1.84 6.26 13.43
C GLN A 120 2.66 5.02 13.18
N GLY A 121 2.78 4.82 11.89
CA GLY A 121 3.66 3.81 11.37
C GLY A 121 5.09 4.26 11.44
N PRO A 122 6.02 3.47 10.91
CA PRO A 122 7.41 3.88 10.81
C PRO A 122 7.62 5.00 9.77
N LYS A 123 8.69 5.78 9.83
CA LYS A 123 9.03 6.73 8.75
C LYS A 123 9.31 6.01 7.46
N ILE A 124 8.81 6.39 6.27
CA ILE A 124 9.20 5.73 5.02
C ILE A 124 10.09 6.71 4.20
N PRO A 125 11.43 6.58 4.01
CA PRO A 125 12.19 7.34 3.02
C PRO A 125 11.50 7.35 1.68
N TRP A 126 11.29 8.51 1.06
CA TRP A 126 10.65 8.64 -0.23
C TRP A 126 11.50 9.49 -1.17
N ARG A 127 11.52 9.06 -2.42
CA ARG A 127 12.30 9.74 -3.43
C ARG A 127 11.45 10.32 -4.54
N CYS A 128 11.73 11.56 -5.00
CA CYS A 128 10.98 12.16 -6.10
C CYS A 128 11.40 11.92 -7.52
N GLY A 129 10.58 12.22 -8.52
CA GLY A 129 11.11 12.07 -9.85
C GLY A 129 10.42 11.16 -10.83
N ARG A 130 9.31 10.58 -10.42
CA ARG A 130 8.47 9.81 -11.33
C ARG A 130 7.95 10.78 -12.39
N VAL A 131 7.77 10.33 -13.61
CA VAL A 131 7.36 11.14 -14.73
C VAL A 131 6.12 10.55 -15.39
N ASP A 132 5.06 11.33 -15.61
CA ASP A 132 3.91 10.78 -16.31
C ASP A 132 4.22 10.30 -17.71
N THR A 133 3.68 9.12 -18.03
CA THR A 133 3.92 8.51 -19.34
C THR A 133 2.61 8.34 -20.09
N PRO A 134 2.55 8.11 -21.41
CA PRO A 134 1.33 8.14 -22.23
C PRO A 134 0.33 7.02 -21.97
N GLU A 135 -0.96 7.18 -22.32
CA GLU A 135 -1.95 6.13 -22.13
C GLU A 135 -1.56 4.74 -22.64
N ASP A 136 -0.77 4.68 -23.71
CA ASP A 136 -0.29 3.43 -24.29
C ASP A 136 0.72 2.66 -23.43
N THR A 137 1.30 3.31 -22.42
CA THR A 137 2.19 2.65 -21.47
C THR A 137 1.44 1.99 -20.31
N THR A 138 0.12 2.25 -20.19
CA THR A 138 -0.74 1.63 -19.18
C THR A 138 -0.69 0.10 -19.21
N PRO A 139 -0.29 -0.59 -18.15
CA PRO A 139 -0.29 -2.05 -18.11
C PRO A 139 -1.69 -2.62 -18.24
N ASP A 140 -1.81 -3.80 -18.85
CA ASP A 140 -3.13 -4.45 -18.89
C ASP A 140 -3.64 -4.99 -17.54
N ASN A 141 -4.96 -5.03 -17.38
CA ASN A 141 -5.58 -5.70 -16.24
C ASN A 141 -5.07 -7.11 -15.96
N GLY A 142 -5.15 -7.57 -14.71
CA GLY A 142 -4.71 -8.91 -14.37
C GLY A 142 -3.31 -9.08 -13.80
N ARG A 143 -2.65 -8.00 -13.34
CA ARG A 143 -1.31 -8.15 -12.76
C ARG A 143 -1.27 -8.14 -11.25
N LEU A 144 -2.43 -7.81 -10.69
CA LEU A 144 -2.60 -7.81 -9.25
C LEU A 144 -3.16 -9.14 -8.67
N PRO A 145 -2.86 -9.53 -7.43
CA PRO A 145 -3.07 -10.89 -6.95
C PRO A 145 -4.50 -11.25 -6.58
N ASP A 146 -4.87 -12.51 -6.77
CA ASP A 146 -6.15 -13.01 -6.28
C ASP A 146 -6.11 -13.28 -4.77
N ALA A 147 -7.24 -13.18 -4.07
CA ALA A 147 -7.30 -13.41 -2.62
C ALA A 147 -7.62 -14.81 -2.13
N ASP A 148 -8.20 -15.57 -3.05
CA ASP A 148 -8.67 -16.91 -2.79
C ASP A 148 -7.62 -17.97 -3.00
N LYS A 149 -6.35 -17.70 -2.82
CA LYS A 149 -5.35 -18.70 -3.17
C LYS A 149 -4.53 -19.08 -1.97
N ASP A 150 -3.46 -19.87 -2.17
CA ASP A 150 -2.65 -20.35 -1.06
C ASP A 150 -1.24 -19.80 -0.99
N ALA A 151 -0.44 -20.22 -0.01
CA ALA A 151 0.95 -19.78 0.16
C ALA A 151 1.88 -19.92 -1.05
N GLY A 152 1.80 -21.01 -1.79
CA GLY A 152 2.63 -21.16 -2.99
C GLY A 152 2.31 -20.11 -4.05
N TYR A 153 1.03 -19.77 -4.18
CA TYR A 153 0.57 -18.71 -5.08
C TYR A 153 1.15 -17.34 -4.66
N VAL A 154 0.99 -16.96 -3.40
CA VAL A 154 1.57 -15.73 -2.87
C VAL A 154 3.10 -15.69 -3.10
N ARG A 155 3.85 -16.76 -2.82
CA ARG A 155 5.29 -16.75 -3.00
C ARG A 155 5.67 -16.53 -4.44
N THR A 156 4.97 -17.23 -5.31
CA THR A 156 5.21 -17.18 -6.75
C THR A 156 4.83 -15.84 -7.33
N PHE A 157 3.63 -15.35 -7.02
CA PHE A 157 3.21 -14.00 -7.46
C PHE A 157 4.24 -12.94 -7.09
N PHE A 158 4.72 -12.89 -5.84
CA PHE A 158 5.63 -11.85 -5.41
C PHE A 158 7.08 -11.95 -5.91
N GLN A 159 7.45 -13.11 -6.45
CA GLN A 159 8.73 -13.21 -7.14
C GLN A 159 8.74 -12.30 -8.39
N ARG A 160 7.58 -12.04 -9.04
CA ARG A 160 7.51 -11.15 -10.19
C ARG A 160 7.89 -9.68 -9.81
N LEU A 161 7.66 -9.28 -8.57
CA LEU A 161 8.02 -7.94 -8.03
C LEU A 161 9.31 -8.03 -7.22
N ASN A 162 10.15 -9.03 -7.52
CA ASN A 162 11.10 -9.58 -6.55
C ASN A 162 11.34 -9.14 -5.13
N MET A 163 10.28 -9.64 -4.51
CA MET A 163 10.14 -9.65 -3.07
C MET A 163 10.36 -11.11 -2.58
N ASN A 164 11.13 -11.26 -1.51
CA ASN A 164 11.41 -12.55 -0.93
C ASN A 164 10.44 -12.83 0.22
N ASP A 165 10.59 -13.94 0.96
CA ASP A 165 9.59 -14.31 1.97
C ASP A 165 9.42 -13.30 3.08
N ARG A 166 10.56 -12.80 3.50
CA ARG A 166 10.58 -11.81 4.56
C ARG A 166 9.88 -10.49 4.19
N GLU A 167 10.18 -10.04 2.97
CA GLU A 167 9.58 -8.85 2.40
C GLU A 167 8.08 -9.03 2.22
N VAL A 168 7.65 -10.15 1.67
CA VAL A 168 6.21 -10.47 1.54
C VAL A 168 5.47 -10.45 2.90
N VAL A 169 6.03 -11.10 3.93
CA VAL A 169 5.35 -11.16 5.24
C VAL A 169 5.31 -9.77 5.89
N ALA A 170 6.41 -9.00 5.80
CA ALA A 170 6.42 -7.62 6.29
C ALA A 170 5.39 -6.75 5.54
N LEU A 171 5.35 -6.76 4.21
CA LEU A 171 4.27 -6.09 3.47
C LEU A 171 2.84 -6.46 3.85
N MET A 172 2.50 -7.75 4.02
CA MET A 172 1.15 -8.18 4.42
C MET A 172 0.62 -7.65 5.75
N GLY A 173 1.49 -7.26 6.69
CA GLY A 173 1.13 -6.62 7.96
C GLY A 173 0.28 -5.37 7.79
N ALA A 174 0.31 -4.74 6.61
CA ALA A 174 -0.59 -3.62 6.23
C ALA A 174 -2.08 -4.02 6.16
N HIS A 175 -2.38 -5.32 6.03
CA HIS A 175 -3.76 -5.78 6.13
C HIS A 175 -4.34 -5.65 7.54
N ALA A 176 -3.62 -5.26 8.59
CA ALA A 176 -4.24 -4.84 9.86
C ALA A 176 -5.09 -3.56 9.70
N LEU A 177 -4.80 -2.78 8.66
CA LEU A 177 -5.46 -1.52 8.33
C LEU A 177 -6.75 -1.65 7.55
N GLY A 178 -7.76 -0.82 7.84
CA GLY A 178 -8.98 -0.75 7.06
C GLY A 178 -9.83 -2.01 7.12
N LYS A 179 -10.41 -2.41 5.99
CA LYS A 179 -11.25 -3.59 6.00
C LYS A 179 -11.56 -4.05 4.60
N THR A 180 -12.10 -5.26 4.45
CA THR A 180 -12.60 -5.64 3.14
C THR A 180 -14.07 -5.26 3.06
N HIS A 181 -14.48 -4.89 1.86
CA HIS A 181 -15.80 -4.36 1.59
C HIS A 181 -16.40 -5.31 0.57
N LEU A 182 -17.51 -5.98 0.89
CA LEU A 182 -18.11 -6.97 0.00
C LEU A 182 -18.40 -6.48 -1.43
N LYS A 183 -18.91 -5.25 -1.57
CA LYS A 183 -19.21 -4.76 -2.90
C LYS A 183 -17.96 -4.39 -3.71
N ASN A 184 -16.78 -4.26 -3.12
CA ASN A 184 -15.55 -4.07 -3.90
C ASN A 184 -14.86 -5.36 -4.29
N SER A 185 -14.72 -6.26 -3.30
CA SER A 185 -13.97 -7.50 -3.49
C SER A 185 -14.66 -8.84 -3.29
N GLY A 186 -15.88 -8.88 -2.77
CA GLY A 186 -16.55 -10.15 -2.46
C GLY A 186 -16.07 -10.73 -1.13
N TYR A 187 -15.41 -9.91 -0.31
CA TYR A 187 -14.99 -10.28 1.03
C TYR A 187 -15.48 -9.24 2.00
N GLU A 188 -15.79 -9.57 3.26
CA GLU A 188 -16.29 -8.58 4.18
C GLU A 188 -15.76 -8.66 5.61
N GLY A 189 -15.39 -7.51 6.16
CA GLY A 189 -14.97 -7.41 7.55
C GLY A 189 -13.57 -6.79 7.81
N PRO A 190 -13.26 -6.39 9.03
CA PRO A 190 -11.95 -5.91 9.42
C PRO A 190 -11.09 -7.04 9.97
N GLY A 191 -9.79 -6.84 10.11
CA GLY A 191 -8.89 -7.87 10.61
C GLY A 191 -8.46 -7.65 12.02
N GLY A 192 -9.03 -6.66 12.68
CA GLY A 192 -8.55 -6.32 14.02
C GLY A 192 -9.29 -5.13 14.59
N ALA A 193 -9.00 -4.80 15.84
CA ALA A 193 -9.64 -3.68 16.49
C ALA A 193 -9.00 -2.34 16.12
N ALA A 194 -7.68 -2.21 16.04
CA ALA A 194 -7.02 -0.96 15.67
C ALA A 194 -6.87 -0.89 14.15
N ASN A 195 -7.93 -0.61 13.40
CA ASN A 195 -7.72 -0.59 11.97
C ASN A 195 -7.44 0.74 11.24
N ASN A 196 -7.11 1.78 12.00
CA ASN A 196 -6.55 2.98 11.39
C ASN A 196 -5.39 3.51 12.23
N VAL A 197 -4.74 2.63 12.98
CA VAL A 197 -3.49 2.95 13.66
C VAL A 197 -2.54 1.88 13.15
N PHE A 198 -1.32 2.17 12.68
CA PHE A 198 -0.37 1.17 12.21
C PHE A 198 0.29 0.38 13.36
N THR A 199 -0.01 -0.90 13.55
CA THR A 199 0.60 -1.74 14.60
C THR A 199 0.99 -3.13 14.08
N ASN A 200 1.62 -4.05 14.83
CA ASN A 200 1.80 -5.44 14.36
C ASN A 200 0.64 -6.41 14.70
N GLU A 201 -0.54 -5.90 15.00
CA GLU A 201 -1.77 -6.68 15.29
C GLU A 201 -2.19 -7.71 14.26
N PHE A 202 -1.90 -7.56 12.96
CA PHE A 202 -2.20 -8.59 11.99
C PHE A 202 -1.56 -9.92 12.38
N TYR A 203 -0.30 -9.86 12.83
CA TYR A 203 0.44 -11.04 13.20
C TYR A 203 -0.06 -11.64 14.51
N LEU A 204 -0.35 -10.77 15.47
CA LEU A 204 -0.92 -11.20 16.75
C LEU A 204 -2.29 -11.89 16.60
N ASN A 205 -3.20 -11.34 15.78
CA ASN A 205 -4.50 -11.92 15.53
C ASN A 205 -4.46 -13.23 14.77
N LEU A 206 -3.57 -13.31 13.79
CA LEU A 206 -3.37 -14.54 13.04
C LEU A 206 -2.98 -15.70 13.97
N LEU A 207 -2.02 -15.47 14.87
CA LEU A 207 -1.60 -16.47 15.82
C LEU A 207 -2.53 -16.65 17.03
N ASN A 208 -3.24 -15.65 17.51
CA ASN A 208 -4.04 -15.83 18.71
C ASN A 208 -5.55 -15.99 18.57
N GLU A 209 -6.14 -15.73 17.43
CA GLU A 209 -7.56 -15.91 17.32
C GLU A 209 -7.91 -17.31 16.90
N ASP A 210 -9.17 -17.60 17.15
CA ASP A 210 -9.77 -18.88 16.82
C ASP A 210 -10.43 -18.73 15.46
N TRP A 211 -9.75 -19.11 14.40
CA TRP A 211 -10.32 -18.90 13.07
C TRP A 211 -11.24 -20.01 12.55
N LYS A 212 -12.33 -19.63 11.90
CA LYS A 212 -13.32 -20.52 11.37
C LYS A 212 -13.54 -20.33 9.88
N LEU A 213 -13.36 -21.30 9.00
CA LEU A 213 -13.60 -21.11 7.58
C LEU A 213 -15.10 -21.03 7.28
N GLU A 214 -15.62 -19.83 6.94
CA GLU A 214 -17.02 -19.69 6.57
C GLU A 214 -17.32 -19.14 5.18
N LYS A 215 -18.54 -19.14 4.72
CA LYS A 215 -18.84 -18.58 3.42
C LYS A 215 -19.60 -17.28 3.65
N ASN A 216 -19.16 -16.22 2.97
CA ASN A 216 -19.80 -14.91 3.08
C ASN A 216 -20.96 -14.67 2.08
N ASP A 217 -21.70 -13.55 2.14
CA ASP A 217 -22.81 -13.32 1.24
C ASP A 217 -22.53 -13.22 -0.25
N ALA A 218 -21.28 -13.04 -0.63
CA ALA A 218 -20.86 -13.04 -2.02
C ALA A 218 -20.45 -14.45 -2.47
N ASN A 219 -20.66 -15.43 -1.56
CA ASN A 219 -20.37 -16.86 -1.70
C ASN A 219 -18.91 -17.25 -1.78
N ASN A 220 -18.11 -16.40 -1.16
CA ASN A 220 -16.69 -16.65 -1.08
C ASN A 220 -16.30 -17.14 0.30
N GLU A 221 -15.33 -18.03 0.37
CA GLU A 221 -14.83 -18.42 1.68
C GLU A 221 -13.81 -17.46 2.27
N GLN A 222 -13.96 -17.24 3.56
CA GLN A 222 -13.00 -16.46 4.33
C GLN A 222 -12.87 -16.97 5.77
N TRP A 223 -11.75 -16.70 6.41
CA TRP A 223 -11.55 -17.10 7.79
C TRP A 223 -12.12 -16.11 8.79
N ASP A 224 -13.08 -16.53 9.58
CA ASP A 224 -13.77 -15.70 10.55
C ASP A 224 -13.53 -16.00 12.01
N SER A 225 -13.46 -15.02 12.89
CA SER A 225 -13.24 -15.27 14.31
C SER A 225 -14.40 -14.79 15.15
N LYS A 226 -14.49 -15.37 16.36
CA LYS A 226 -15.51 -14.98 17.36
C LYS A 226 -15.55 -13.48 17.68
N SER A 227 -14.37 -12.87 17.66
CA SER A 227 -14.24 -11.44 17.91
C SER A 227 -14.80 -10.54 16.84
N GLY A 228 -15.25 -11.05 15.70
CA GLY A 228 -15.74 -10.21 14.60
C GLY A 228 -14.68 -9.85 13.54
N TYR A 229 -13.51 -10.50 13.57
CA TYR A 229 -12.46 -10.25 12.60
C TYR A 229 -12.51 -11.26 11.50
N MET A 230 -11.87 -10.97 10.40
CA MET A 230 -11.83 -11.87 9.28
C MET A 230 -10.42 -11.86 8.68
N MET A 231 -10.04 -12.94 8.02
CA MET A 231 -8.79 -13.02 7.29
C MET A 231 -9.11 -13.60 5.92
N LEU A 232 -8.41 -13.12 4.90
CA LEU A 232 -8.56 -13.64 3.53
C LEU A 232 -7.86 -15.00 3.41
N PRO A 233 -8.17 -15.90 2.46
CA PRO A 233 -7.44 -17.15 2.26
C PRO A 233 -5.94 -16.91 2.11
N THR A 234 -5.52 -15.95 1.26
CA THR A 234 -4.10 -15.62 1.16
C THR A 234 -3.50 -15.06 2.42
N ASP A 235 -4.28 -14.41 3.30
CA ASP A 235 -3.75 -13.98 4.62
C ASP A 235 -3.46 -15.11 5.61
N TYR A 236 -4.42 -16.03 5.68
CA TYR A 236 -4.32 -17.22 6.54
C TYR A 236 -3.19 -18.17 6.10
N SER A 237 -2.92 -18.15 4.79
CA SER A 237 -1.75 -18.80 4.16
C SER A 237 -0.42 -18.65 4.87
N LEU A 238 -0.26 -17.49 5.50
CA LEU A 238 1.00 -17.19 6.18
C LEU A 238 1.25 -18.03 7.43
N ILE A 239 0.19 -18.54 8.06
CA ILE A 239 0.46 -19.47 9.16
C ILE A 239 0.40 -20.93 8.67
N GLN A 240 -0.05 -21.21 7.44
CA GLN A 240 0.00 -22.55 6.87
C GLN A 240 1.37 -22.96 6.33
N ASP A 241 2.20 -22.02 5.94
CA ASP A 241 3.48 -22.35 5.37
C ASP A 241 4.56 -22.28 6.45
N PRO A 242 5.48 -23.22 6.67
CA PRO A 242 6.49 -23.14 7.71
C PRO A 242 7.49 -21.99 7.60
N LYS A 243 7.98 -21.60 6.41
CA LYS A 243 8.90 -20.44 6.30
C LYS A 243 8.20 -19.13 6.69
N TYR A 244 7.02 -18.89 6.10
CA TYR A 244 6.19 -17.74 6.46
C TYR A 244 5.79 -17.72 7.92
N LEU A 245 5.28 -18.85 8.46
CA LEU A 245 4.90 -18.90 9.85
C LEU A 245 6.03 -18.50 10.79
N SER A 246 7.29 -18.92 10.63
CA SER A 246 8.27 -18.42 11.58
C SER A 246 8.61 -16.92 11.43
N ILE A 247 8.40 -16.26 10.29
CA ILE A 247 8.59 -14.80 10.25
C ILE A 247 7.37 -14.11 10.92
N VAL A 248 6.13 -14.59 10.74
CA VAL A 248 4.93 -14.11 11.46
C VAL A 248 5.15 -14.07 12.97
N LYS A 249 5.68 -15.17 13.52
CA LYS A 249 6.03 -15.20 14.94
C LYS A 249 7.09 -14.18 15.35
N GLU A 250 8.07 -13.95 14.48
CA GLU A 250 9.07 -12.93 14.73
C GLU A 250 8.47 -11.52 14.83
N TYR A 251 7.55 -11.19 13.92
CA TYR A 251 6.88 -9.90 13.97
C TYR A 251 5.78 -9.78 15.03
N ALA A 252 5.12 -10.87 15.46
CA ALA A 252 4.23 -10.77 16.60
C ALA A 252 5.04 -10.62 17.88
N ASN A 253 6.28 -11.09 17.94
CA ASN A 253 7.11 -10.88 19.11
C ASN A 253 8.04 -9.65 19.16
N ASP A 254 8.07 -8.84 18.09
CA ASP A 254 8.94 -7.67 18.02
C ASP A 254 8.37 -6.60 17.08
N GLN A 255 7.59 -5.65 17.60
CA GLN A 255 7.02 -4.59 16.77
C GLN A 255 8.02 -3.62 16.09
N ASP A 256 9.15 -3.32 16.72
CA ASP A 256 10.22 -2.52 16.12
C ASP A 256 10.88 -3.16 14.88
N LYS A 257 11.20 -4.47 14.90
CA LYS A 257 11.68 -5.21 13.74
C LYS A 257 10.62 -5.19 12.65
N PHE A 258 9.34 -5.48 12.95
CA PHE A 258 8.26 -5.29 11.96
C PHE A 258 8.29 -3.89 11.31
N PHE A 259 8.24 -2.82 12.10
CA PHE A 259 8.31 -1.45 11.57
C PHE A 259 9.54 -1.19 10.68
N LYS A 260 10.72 -1.62 11.09
CA LYS A 260 11.94 -1.50 10.32
C LYS A 260 11.93 -2.23 8.98
N ASP A 261 11.45 -3.49 9.00
CA ASP A 261 11.33 -4.26 7.76
C ASP A 261 10.19 -3.83 6.85
N PHE A 262 9.08 -3.34 7.39
CA PHE A 262 7.99 -2.81 6.56
C PHE A 262 8.46 -1.59 5.74
N SER A 263 9.15 -0.69 6.45
CA SER A 263 9.71 0.56 5.91
C SER A 263 10.61 0.32 4.70
N LYS A 264 11.57 -0.61 4.85
CA LYS A 264 12.39 -1.04 3.71
C LYS A 264 11.63 -1.69 2.56
N ALA A 265 10.68 -2.60 2.83
CA ALA A 265 9.98 -3.25 1.73
C ALA A 265 8.92 -2.39 1.05
N PHE A 266 8.31 -1.42 1.76
CA PHE A 266 7.35 -0.49 1.16
C PHE A 266 8.11 0.56 0.28
N GLU A 267 9.28 1.06 0.72
CA GLU A 267 10.07 1.95 -0.14
C GLU A 267 10.49 1.20 -1.39
N LYS A 268 11.03 -0.02 -1.23
CA LYS A 268 11.44 -0.85 -2.35
C LYS A 268 10.28 -1.07 -3.32
N LEU A 269 9.09 -1.37 -2.77
CA LEU A 269 7.87 -1.54 -3.58
C LEU A 269 7.59 -0.33 -4.46
N LEU A 270 7.70 0.85 -3.82
CA LEU A 270 7.37 2.12 -4.46
C LEU A 270 8.41 2.58 -5.47
N GLU A 271 9.64 2.08 -5.34
CA GLU A 271 10.76 2.40 -6.20
C GLU A 271 11.09 1.42 -7.30
N ASP A 272 10.52 0.20 -7.28
CA ASP A 272 10.78 -0.78 -8.34
C ASP A 272 10.57 -0.22 -9.76
N GLY A 273 11.57 -0.43 -10.62
CA GLY A 273 11.52 0.03 -12.01
C GLY A 273 12.18 1.37 -12.29
N ILE A 274 12.41 2.17 -11.28
CA ILE A 274 13.00 3.49 -11.42
C ILE A 274 14.52 3.50 -11.23
N THR A 275 15.16 4.12 -12.22
CA THR A 275 16.59 4.40 -12.22
C THR A 275 16.79 5.80 -11.68
N PHE A 276 17.50 5.92 -10.57
CA PHE A 276 17.83 7.21 -10.01
C PHE A 276 19.30 7.56 -10.38
N PRO A 277 19.59 8.60 -11.19
CA PRO A 277 20.95 9.12 -11.46
C PRO A 277 21.83 9.45 -10.25
N LYS A 278 23.18 9.34 -10.20
CA LYS A 278 23.86 9.59 -8.92
C LYS A 278 23.87 11.03 -8.40
N ASP A 279 23.52 11.97 -9.26
CA ASP A 279 23.34 13.35 -8.84
C ASP A 279 21.90 13.64 -8.36
N ALA A 280 21.05 12.62 -8.33
CA ALA A 280 19.69 12.80 -7.84
C ALA A 280 19.73 13.06 -6.33
N PRO A 281 18.81 13.83 -5.72
CA PRO A 281 18.82 14.01 -4.27
C PRO A 281 18.58 12.74 -3.46
N SER A 282 19.12 12.73 -2.26
CA SER A 282 18.81 11.67 -1.32
C SER A 282 17.33 11.47 -1.06
N PRO A 283 16.91 10.31 -0.54
CA PRO A 283 15.54 10.12 -0.10
C PRO A 283 15.15 11.11 0.98
N PHE A 284 13.96 11.67 0.87
CA PHE A 284 13.44 12.57 1.90
C PHE A 284 12.81 11.80 3.06
N ILE A 285 13.01 12.25 4.30
CA ILE A 285 12.30 11.72 5.45
C ILE A 285 11.35 12.85 5.86
N PHE A 286 10.05 12.79 5.66
CA PHE A 286 9.14 13.86 6.05
C PHE A 286 8.70 13.85 7.49
N LYS A 287 8.64 15.02 8.08
CA LYS A 287 8.11 15.15 9.42
C LYS A 287 6.61 15.01 9.46
N THR A 288 6.10 14.44 10.54
CA THR A 288 4.65 14.36 10.66
C THR A 288 4.02 15.69 11.14
N LEU A 289 2.71 15.93 10.99
CA LEU A 289 2.09 17.12 11.58
C LEU A 289 2.40 17.29 13.08
N GLU A 290 2.36 16.14 13.76
CA GLU A 290 2.68 16.08 15.19
C GLU A 290 4.10 16.53 15.48
N GLU A 291 5.10 16.06 14.74
CA GLU A 291 6.46 16.54 15.00
C GLU A 291 6.65 18.03 14.66
N GLN A 292 5.78 18.54 13.81
CA GLN A 292 5.75 19.94 13.42
C GLN A 292 4.89 20.81 14.33
N GLY A 293 4.13 20.23 15.25
CA GLY A 293 3.20 20.98 16.09
C GLY A 293 2.02 21.57 15.32
N LEU A 294 1.74 20.99 14.15
CA LEU A 294 0.66 21.44 13.27
C LEU A 294 -0.67 20.75 13.49
CHA HEM B . -7.45 -4.44 1.12
CHB HEM B . -6.13 -8.33 -1.29
CHC HEM B . -1.55 -7.38 -0.36
CHD HEM B . -2.87 -3.22 1.61
C1A HEM B . -7.56 -5.67 0.42
C2A HEM B . -8.73 -6.23 -0.05
C3A HEM B . -8.33 -7.36 -0.75
C4A HEM B . -6.96 -7.40 -0.66
CMA HEM B . -9.21 -8.34 -1.47
CAA HEM B . -10.14 -5.71 0.15
CBA HEM B . -10.51 -4.59 -0.82
CGA HEM B . -11.89 -4.04 -0.53
O1A HEM B . -12.86 -4.77 -0.49
O2A HEM B . -12.06 -2.86 -0.34
C1B HEM B . -4.74 -8.44 -1.27
C2B HEM B . -4.07 -9.52 -1.80
C3B HEM B . -2.72 -9.29 -1.45
C4B HEM B . -2.69 -8.05 -0.81
CMB HEM B . -4.77 -10.68 -2.50
CAB HEM B . -1.59 -10.09 -1.63
CBB HEM B . -1.52 -11.46 -2.12
C1C HEM B . -1.46 -6.09 0.18
C2C HEM B . -0.27 -5.42 0.45
C3C HEM B . -0.67 -4.15 0.92
C4C HEM B . -2.06 -4.19 1.00
CMC HEM B . 1.12 -5.97 0.08
CAC HEM B . 0.05 -2.99 1.30
CBC HEM B . 1.48 -2.86 1.54
C1D HEM B . -4.25 -3.20 1.80
C2D HEM B . -4.96 -2.28 2.57
C3D HEM B . -6.30 -2.63 2.42
C4D HEM B . -6.32 -3.75 1.59
CMD HEM B . -4.39 -1.15 3.42
CAD HEM B . -7.48 -1.94 3.07
CBD HEM B . -8.25 -1.05 2.11
CGD HEM B . -9.46 -0.33 2.69
O1D HEM B . -10.27 0.19 1.94
O2D HEM B . -9.64 -0.27 3.90
NA HEM B . -6.50 -6.42 0.11
NB HEM B . -3.93 -7.57 -0.70
NC HEM B . -2.53 -5.31 0.45
ND HEM B . -5.08 -4.13 1.29
FE HEM B . -4.51 -5.85 0.30
S1 TMZ C . -7.49 -7.39 3.61
C2 TMZ C . -7.32 -8.72 4.73
N3 TMZ C . -7.59 -8.32 5.99
C4 TMZ C . -7.95 -6.95 6.05
C5 TMZ C . -7.89 -6.28 4.84
C6 TMZ C . -7.49 -9.13 7.06
C7 TMZ C . -8.18 -6.39 7.40
C8 TMZ C . -8.26 -4.86 4.49
#